data_1M1F
#
_entry.id   1M1F
#
_cell.length_a   33.264
_cell.length_b   45.457
_cell.length_c   65.021
_cell.angle_alpha   90.00
_cell.angle_beta   96.12
_cell.angle_gamma   90.00
#
_symmetry.space_group_name_H-M   'P 1 21 1'
#
loop_
_entity.id
_entity.type
_entity.pdbx_description
1 polymer 'Kid toxin protein'
2 non-polymer 'PHOSPHATE ION'
3 water water
#
_entity_poly.entity_id   1
_entity_poly.type   'polypeptide(L)'
_entity_poly.pdbx_seq_one_letter_code
;MERGEIWLVSLDPTAGHEQQGTRPVLIVTPAAFNRVTRLPVVVPVTSGGNFARTAGFAVSLDGVGIRTTGVVRCDQPRTI
DMKARGGKRLERVPETIMNEVLGRLSTILT
;
_entity_poly.pdbx_strand_id   A,B
#
loop_
_chem_comp.id
_chem_comp.type
_chem_comp.name
_chem_comp.formula
PO4 non-polymer 'PHOSPHATE ION' 'O4 P -3'
#
# COMPACT_ATOMS: atom_id res chain seq x y z
N MET A 1 -2.27 -15.50 -9.23
CA MET A 1 -1.34 -14.37 -9.48
C MET A 1 -0.23 -14.37 -8.45
N GLU A 2 1.00 -14.38 -8.96
CA GLU A 2 2.21 -14.43 -8.14
C GLU A 2 2.90 -13.09 -7.86
N ARG A 3 3.54 -13.04 -6.70
CA ARG A 3 4.48 -11.98 -6.40
C ARG A 3 5.47 -11.93 -7.56
N GLY A 4 5.84 -10.72 -7.96
CA GLY A 4 6.83 -10.54 -9.02
C GLY A 4 6.26 -10.39 -10.43
N GLU A 5 4.95 -10.56 -10.58
CA GLU A 5 4.32 -10.32 -11.87
C GLU A 5 4.07 -8.85 -12.07
N ILE A 6 4.19 -8.41 -13.31
CA ILE A 6 3.83 -7.08 -13.74
C ILE A 6 2.49 -7.21 -14.48
N TRP A 7 1.52 -6.41 -14.03
CA TRP A 7 0.17 -6.34 -14.61
C TRP A 7 -0.10 -4.93 -15.10
N LEU A 8 -0.76 -4.80 -16.24
CA LEU A 8 -1.21 -3.51 -16.74
C LEU A 8 -2.61 -3.25 -16.18
N VAL A 9 -2.78 -2.14 -15.48
CA VAL A 9 -4.07 -1.86 -14.84
C VAL A 9 -4.31 -0.37 -14.65
N SER A 10 -5.58 0.02 -14.71
CA SER A 10 -5.98 1.37 -14.40
C SER A 10 -5.97 1.63 -12.90
N LEU A 11 -5.27 2.69 -12.51
CA LEU A 11 -5.23 3.12 -11.11
C LEU A 11 -6.20 4.26 -10.84
N ASP A 12 -6.93 4.70 -11.86
CA ASP A 12 -7.84 5.82 -11.73
C ASP A 12 -9.18 5.38 -11.14
N PRO A 13 -9.95 6.29 -10.54
CA PRO A 13 -9.58 7.70 -10.36
C PRO A 13 -8.75 7.93 -9.11
N THR A 14 -8.06 9.07 -9.06
CA THR A 14 -7.17 9.40 -7.95
C THR A 14 -7.35 10.84 -7.51
N ALA A 15 -6.70 11.17 -6.40
CA ALA A 15 -6.73 12.51 -5.84
C ALA A 15 -5.34 13.07 -5.66
N GLY A 16 -5.20 14.37 -5.84
CA GLY A 16 -3.96 15.07 -5.54
C GLY A 16 -2.74 14.49 -6.22
N HIS A 17 -1.70 14.27 -5.41
CA HIS A 17 -0.41 13.79 -5.90
C HIS A 17 -0.37 12.28 -6.17
N GLU A 18 -1.47 11.57 -5.93
CA GLU A 18 -1.49 10.12 -6.11
C GLU A 18 -1.13 9.71 -7.54
N GLN A 19 -0.39 8.62 -7.68
CA GLN A 19 0.01 8.13 -8.99
C GLN A 19 -1.25 7.86 -9.82
N GLN A 20 -1.26 8.41 -11.04
CA GLN A 20 -2.41 8.31 -11.93
C GLN A 20 -2.18 7.36 -13.10
N GLY A 21 -3.26 7.10 -13.83
CA GLY A 21 -3.18 6.41 -15.11
C GLY A 21 -3.29 4.90 -15.15
N THR A 22 -3.35 4.40 -16.38
CA THR A 22 -3.28 2.96 -16.63
C THR A 22 -1.80 2.71 -16.88
N ARG A 23 -1.21 1.81 -16.09
CA ARG A 23 0.21 1.57 -16.18
C ARG A 23 0.55 0.22 -15.60
N PRO A 24 1.77 -0.24 -15.84
CA PRO A 24 2.23 -1.48 -15.25
C PRO A 24 2.37 -1.31 -13.74
N VAL A 25 2.03 -2.36 -13.02
CA VAL A 25 2.22 -2.42 -11.59
C VAL A 25 2.85 -3.77 -11.25
N LEU A 26 3.63 -3.80 -10.18
CA LEU A 26 4.32 -5.01 -9.74
C LEU A 26 3.64 -5.58 -8.50
N ILE A 27 3.30 -6.87 -8.54
CA ILE A 27 2.63 -7.51 -7.40
C ILE A 27 3.63 -7.82 -6.30
N VAL A 28 3.31 -7.32 -5.11
CA VAL A 28 4.14 -7.48 -3.91
C VAL A 28 3.78 -8.72 -3.08
N THR A 29 2.50 -9.02 -2.99
CA THR A 29 2.01 -10.10 -2.13
C THR A 29 2.07 -11.44 -2.82
N PRO A 30 2.19 -12.52 -2.03
CA PRO A 30 2.29 -13.87 -2.60
C PRO A 30 0.97 -14.42 -3.09
N ALA A 31 1.06 -15.49 -3.88
CA ALA A 31 -0.10 -16.14 -4.47
C ALA A 31 -1.23 -16.46 -3.49
N ALA A 32 -0.91 -17.07 -2.35
CA ALA A 32 -1.94 -17.48 -1.41
C ALA A 32 -2.75 -16.27 -0.92
N PHE A 33 -2.04 -15.20 -0.58
CA PHE A 33 -2.66 -13.95 -0.17
C PHE A 33 -3.54 -13.39 -1.27
N ASN A 34 -3.04 -13.38 -2.50
CA ASN A 34 -3.78 -12.81 -3.61
C ASN A 34 -5.05 -13.60 -3.91
N ARG A 35 -4.94 -14.92 -3.79
CA ARG A 35 -6.06 -15.82 -4.02
C ARG A 35 -7.15 -15.63 -2.97
N VAL A 36 -6.75 -15.57 -1.71
CA VAL A 36 -7.72 -15.48 -0.62
C VAL A 36 -8.39 -14.12 -0.53
N THR A 37 -7.62 -13.05 -0.70
CA THR A 37 -8.17 -11.70 -0.54
C THR A 37 -8.77 -11.13 -1.81
N ARG A 38 -8.28 -11.58 -2.96
CA ARG A 38 -8.62 -10.96 -4.24
C ARG A 38 -8.22 -9.47 -4.24
N LEU A 39 -7.30 -9.10 -3.35
CA LEU A 39 -6.85 -7.71 -3.17
C LEU A 39 -5.34 -7.65 -3.06
N PRO A 40 -4.62 -7.92 -4.14
CA PRO A 40 -3.15 -7.86 -4.09
C PRO A 40 -2.65 -6.47 -3.74
N VAL A 41 -1.50 -6.42 -3.09
CA VAL A 41 -0.79 -5.18 -2.90
C VAL A 41 0.21 -5.05 -4.06
N VAL A 42 0.23 -3.89 -4.68
CA VAL A 42 1.09 -3.61 -5.83
C VAL A 42 1.83 -2.31 -5.65
N VAL A 43 2.91 -2.15 -6.41
CA VAL A 43 3.61 -0.86 -6.52
C VAL A 43 3.67 -0.48 -7.99
N PRO A 44 3.49 0.80 -8.31
CA PRO A 44 3.43 1.21 -9.71
C PRO A 44 4.78 1.41 -10.38
N VAL A 45 4.78 1.25 -11.70
CA VAL A 45 5.95 1.50 -12.54
C VAL A 45 5.73 2.80 -13.29
N THR A 46 6.73 3.67 -13.28
CA THR A 46 6.68 4.94 -13.99
C THR A 46 7.93 5.08 -14.85
N SER A 47 7.95 6.08 -15.72
CA SER A 47 9.18 6.38 -16.42
C SER A 47 10.00 7.24 -15.44
N PHE A 51 15.70 6.06 -18.88
CA PHE A 51 16.79 5.14 -18.58
C PHE A 51 17.47 5.49 -17.27
N ALA A 52 16.77 5.30 -16.17
CA ALA A 52 17.27 5.76 -14.88
C ALA A 52 17.98 4.71 -14.05
N ARG A 53 18.71 5.21 -13.08
CA ARG A 53 19.43 4.37 -12.14
C ARG A 53 18.61 4.29 -10.87
N THR A 54 18.72 3.18 -10.17
CA THR A 54 18.04 3.02 -8.89
C THR A 54 18.48 4.11 -7.94
N ALA A 55 17.53 4.73 -7.26
CA ALA A 55 17.83 5.80 -6.33
C ALA A 55 16.68 5.92 -5.35
N GLY A 56 16.98 5.79 -4.07
CA GLY A 56 15.95 5.88 -3.05
C GLY A 56 14.89 4.81 -3.27
N PHE A 57 13.62 5.20 -3.25
CA PHE A 57 12.52 4.24 -3.41
C PHE A 57 12.29 3.80 -4.86
N ALA A 58 13.00 4.39 -5.81
CA ALA A 58 12.83 4.06 -7.22
C ALA A 58 13.84 3.00 -7.66
N VAL A 59 13.34 1.82 -8.02
CA VAL A 59 14.18 0.72 -8.43
C VAL A 59 14.09 0.54 -9.93
N SER A 60 15.24 0.64 -10.60
CA SER A 60 15.28 0.58 -12.05
C SER A 60 15.02 -0.82 -12.59
N LEU A 61 14.26 -0.87 -13.68
CA LEU A 61 14.01 -2.11 -14.43
C LEU A 61 14.95 -2.29 -15.64
N ASP A 62 15.89 -1.37 -15.81
CA ASP A 62 16.80 -1.41 -16.96
C ASP A 62 17.81 -2.56 -16.89
N GLY A 63 18.03 -3.22 -18.02
CA GLY A 63 19.06 -4.24 -18.14
C GLY A 63 18.79 -5.62 -17.57
N VAL A 64 17.53 -5.91 -17.25
CA VAL A 64 17.19 -7.18 -16.60
C VAL A 64 16.46 -8.18 -17.51
N GLY A 65 16.28 -7.85 -18.78
CA GLY A 65 15.71 -8.77 -19.75
C GLY A 65 14.19 -8.80 -19.85
N ILE A 66 13.51 -7.81 -19.28
CA ILE A 66 12.06 -7.75 -19.38
C ILE A 66 11.62 -6.70 -20.40
N ARG A 67 10.34 -6.71 -20.73
CA ARG A 67 9.81 -5.78 -21.72
C ARG A 67 9.47 -4.44 -21.09
N THR A 68 8.92 -4.47 -19.88
CA THR A 68 8.52 -3.25 -19.20
C THR A 68 9.71 -2.37 -18.87
N THR A 69 9.59 -1.08 -19.16
CA THR A 69 10.65 -0.13 -18.89
C THR A 69 10.30 0.79 -17.73
N GLY A 70 11.30 1.50 -17.21
CA GLY A 70 11.08 2.48 -16.18
C GLY A 70 11.60 2.09 -14.83
N VAL A 71 10.93 2.60 -13.79
CA VAL A 71 11.34 2.35 -12.42
C VAL A 71 10.13 1.95 -11.61
N VAL A 72 10.37 1.12 -10.61
CA VAL A 72 9.33 0.72 -9.68
C VAL A 72 9.31 1.72 -8.53
N ARG A 73 8.15 2.31 -8.29
CA ARG A 73 8.00 3.31 -7.23
C ARG A 73 7.59 2.61 -5.93
N CYS A 74 8.59 2.19 -5.17
CA CYS A 74 8.36 1.38 -3.98
C CYS A 74 7.72 2.16 -2.85
N ASP A 75 7.72 3.47 -2.98
CA ASP A 75 7.10 4.35 -1.99
C ASP A 75 5.59 4.48 -2.15
N GLN A 76 4.99 3.86 -3.17
CA GLN A 76 3.55 4.02 -3.39
C GLN A 76 2.77 2.71 -3.46
N PRO A 77 2.86 1.87 -2.44
CA PRO A 77 2.09 0.63 -2.47
C PRO A 77 0.59 0.91 -2.39
N ARG A 78 -0.19 0.04 -3.04
CA ARG A 78 -1.63 0.17 -3.04
C ARG A 78 -2.27 -1.19 -3.14
N THR A 79 -3.30 -1.40 -2.35
CA THR A 79 -4.11 -2.60 -2.40
C THR A 79 -5.19 -2.37 -3.45
N ILE A 80 -5.27 -3.25 -4.45
CA ILE A 80 -6.26 -3.07 -5.51
C ILE A 80 -7.00 -4.36 -5.83
N ASP A 81 -8.24 -4.19 -6.30
CA ASP A 81 -9.02 -5.31 -6.78
C ASP A 81 -8.66 -5.44 -8.25
N MET A 82 -7.65 -6.26 -8.53
CA MET A 82 -7.14 -6.42 -9.89
C MET A 82 -8.21 -6.91 -10.86
N LYS A 83 -9.01 -7.86 -10.41
CA LYS A 83 -10.06 -8.43 -11.23
C LYS A 83 -11.11 -7.37 -11.54
N ALA A 84 -11.60 -6.66 -10.54
CA ALA A 84 -12.60 -5.63 -10.79
C ALA A 84 -12.06 -4.56 -11.71
N ARG A 85 -10.78 -4.22 -11.57
CA ARG A 85 -10.18 -3.20 -12.41
C ARG A 85 -9.82 -3.68 -13.82
N GLY A 86 -9.91 -4.98 -14.07
CA GLY A 86 -9.60 -5.53 -15.39
C GLY A 86 -8.11 -5.55 -15.73
N GLY A 87 -7.26 -5.76 -14.73
CA GLY A 87 -5.85 -5.84 -14.97
C GLY A 87 -5.48 -7.02 -15.86
N LYS A 88 -4.36 -6.86 -16.57
CA LYS A 88 -3.86 -7.89 -17.48
C LYS A 88 -2.41 -8.23 -17.16
N ARG A 89 -2.11 -9.51 -16.98
CA ARG A 89 -0.76 -9.96 -16.69
C ARG A 89 0.14 -9.76 -17.90
N LEU A 90 1.31 -9.16 -17.68
CA LEU A 90 2.28 -8.95 -18.75
C LEU A 90 3.45 -9.92 -18.71
N GLU A 91 4.12 -10.04 -17.57
CA GLU A 91 5.37 -10.77 -17.49
C GLU A 91 5.82 -10.81 -16.03
N ARG A 92 6.93 -11.45 -15.76
CA ARG A 92 7.47 -11.50 -14.42
C ARG A 92 8.81 -10.81 -14.39
N VAL A 93 9.17 -10.26 -13.24
CA VAL A 93 10.50 -9.71 -13.08
C VAL A 93 11.42 -10.76 -12.44
N PRO A 94 12.72 -10.67 -12.67
CA PRO A 94 13.66 -11.55 -11.97
C PRO A 94 13.59 -11.37 -10.45
N GLU A 95 13.93 -12.43 -9.71
CA GLU A 95 13.90 -12.36 -8.25
C GLU A 95 14.83 -11.27 -7.70
N THR A 96 15.93 -10.97 -8.37
CA THR A 96 16.77 -9.90 -7.89
C THR A 96 16.00 -8.58 -7.79
N ILE A 97 15.23 -8.24 -8.83
CA ILE A 97 14.43 -7.01 -8.81
C ILE A 97 13.41 -7.09 -7.68
N MET A 98 12.69 -8.19 -7.62
CA MET A 98 11.66 -8.33 -6.60
C MET A 98 12.25 -8.17 -5.20
N ASN A 99 13.41 -8.77 -4.95
CA ASN A 99 14.01 -8.67 -3.63
C ASN A 99 14.46 -7.24 -3.31
N GLU A 100 14.94 -6.51 -4.31
CA GLU A 100 15.29 -5.10 -4.09
C GLU A 100 14.04 -4.30 -3.71
N VAL A 101 12.93 -4.57 -4.38
CA VAL A 101 11.65 -3.91 -4.10
C VAL A 101 11.18 -4.24 -2.68
N LEU A 102 11.21 -5.52 -2.31
CA LEU A 102 10.84 -5.93 -0.96
C LEU A 102 11.73 -5.23 0.08
N GLY A 103 13.02 -5.10 -0.21
CA GLY A 103 13.92 -4.40 0.68
C GLY A 103 13.51 -2.96 0.92
N ARG A 104 13.13 -2.25 -0.14
CA ARG A 104 12.69 -0.86 0.00
C ARG A 104 11.41 -0.81 0.84
N LEU A 105 10.46 -1.68 0.57
CA LEU A 105 9.20 -1.68 1.31
C LEU A 105 9.43 -2.00 2.79
N SER A 106 10.42 -2.85 3.06
CA SER A 106 10.73 -3.23 4.43
C SER A 106 11.09 -2.02 5.29
N THR A 107 11.69 -1.00 4.68
CA THR A 107 12.09 0.17 5.43
C THR A 107 10.94 1.03 5.90
N ILE A 108 9.77 0.88 5.28
CA ILE A 108 8.63 1.73 5.63
C ILE A 108 7.41 0.98 6.16
N LEU A 109 7.25 -0.29 5.80
CA LEU A 109 6.09 -1.07 6.23
C LEU A 109 6.36 -2.04 7.40
N THR A 110 7.40 -1.78 8.19
CA THR A 110 7.79 -2.68 9.27
C THR A 110 8.47 -1.94 10.41
N MET B 1 2.54 14.78 10.28
CA MET B 1 1.71 13.56 10.04
C MET B 1 2.63 12.40 10.43
N GLU B 2 2.40 11.85 11.63
CA GLU B 2 3.21 10.78 12.21
C GLU B 2 2.64 9.36 12.09
N ARG B 3 3.55 8.38 12.01
CA ARG B 3 3.19 6.98 12.13
C ARG B 3 2.42 6.80 13.43
N GLY B 4 1.31 6.08 13.35
CA GLY B 4 0.50 5.81 14.53
C GLY B 4 -0.71 6.72 14.70
N GLU B 5 -0.84 7.73 13.86
CA GLU B 5 -2.02 8.57 13.90
C GLU B 5 -3.18 7.98 13.14
N ILE B 6 -4.37 8.13 13.71
CA ILE B 6 -5.60 7.78 13.02
C ILE B 6 -6.19 9.08 12.48
N TRP B 7 -6.53 9.07 11.20
CA TRP B 7 -7.11 10.20 10.49
C TRP B 7 -8.42 9.76 9.87
N LEU B 8 -9.42 10.63 9.87
CA LEU B 8 -10.70 10.38 9.18
C LEU B 8 -10.58 10.96 7.77
N VAL B 9 -10.82 10.13 6.75
CA VAL B 9 -10.65 10.60 5.37
C VAL B 9 -11.53 9.85 4.39
N SER B 10 -11.96 10.55 3.34
CA SER B 10 -12.71 9.94 2.25
C SER B 10 -11.75 9.16 1.36
N LEU B 11 -12.00 7.87 1.21
CA LEU B 11 -11.20 7.00 0.37
C LEU B 11 -11.72 6.91 -1.06
N ASP B 12 -12.90 7.46 -1.31
CA ASP B 12 -13.58 7.28 -2.58
C ASP B 12 -13.01 8.14 -3.71
N PRO B 13 -13.26 7.75 -4.96
CA PRO B 13 -13.91 6.49 -5.34
C PRO B 13 -12.91 5.34 -5.40
N THR B 14 -13.39 4.13 -5.15
CA THR B 14 -12.57 2.92 -5.26
C THR B 14 -13.33 1.86 -6.04
N ALA B 15 -12.65 0.76 -6.35
CA ALA B 15 -13.18 -0.29 -7.21
C ALA B 15 -13.40 -1.59 -6.48
N GLY B 16 -14.46 -2.29 -6.87
CA GLY B 16 -14.73 -3.64 -6.38
C GLY B 16 -14.68 -3.79 -4.89
N HIS B 17 -13.85 -4.72 -4.43
CA HIS B 17 -13.76 -5.03 -3.01
C HIS B 17 -12.81 -4.12 -2.22
N GLU B 18 -12.22 -3.13 -2.89
CA GLU B 18 -11.40 -2.15 -2.18
C GLU B 18 -12.23 -1.43 -1.15
N GLN B 19 -11.63 -1.06 -0.02
CA GLN B 19 -12.38 -0.32 0.98
C GLN B 19 -12.89 0.97 0.36
N GLN B 20 -14.04 1.40 0.85
CA GLN B 20 -14.66 2.62 0.38
C GLN B 20 -15.17 3.45 1.56
N GLY B 21 -15.71 4.62 1.24
CA GLY B 21 -16.31 5.50 2.22
C GLY B 21 -15.33 6.45 2.89
N THR B 22 -15.89 7.24 3.78
CA THR B 22 -15.13 8.13 4.63
C THR B 22 -14.99 7.40 5.95
N ARG B 23 -13.76 7.07 6.31
CA ARG B 23 -13.54 6.24 7.50
C ARG B 23 -12.18 6.54 8.09
N PRO B 24 -11.95 6.07 9.31
CA PRO B 24 -10.64 6.20 9.93
C PRO B 24 -9.61 5.31 9.23
N VAL B 25 -8.40 5.84 9.14
CA VAL B 25 -7.25 5.10 8.64
C VAL B 25 -6.09 5.38 9.57
N LEU B 26 -5.17 4.41 9.64
CA LEU B 26 -3.98 4.51 10.47
C LEU B 26 -2.74 4.75 9.61
N ILE B 27 -1.97 5.78 9.92
CA ILE B 27 -0.75 6.09 9.17
C ILE B 27 0.36 5.11 9.56
N VAL B 28 0.95 4.50 8.54
CA VAL B 28 2.01 3.52 8.72
C VAL B 28 3.41 4.07 8.51
N THR B 29 3.54 5.08 7.65
CA THR B 29 4.86 5.62 7.32
C THR B 29 5.28 6.75 8.25
N PRO B 30 6.58 6.94 8.41
CA PRO B 30 7.07 7.97 9.33
C PRO B 30 6.92 9.40 8.82
N ALA B 31 7.01 10.35 9.76
CA ALA B 31 6.83 11.76 9.49
C ALA B 31 7.67 12.31 8.34
N ALA B 32 8.96 11.98 8.30
CA ALA B 32 9.82 12.54 7.26
C ALA B 32 9.35 12.06 5.87
N PHE B 33 9.08 10.77 5.77
CA PHE B 33 8.53 10.20 4.54
C PHE B 33 7.24 10.91 4.16
N ASN B 34 6.37 11.12 5.14
CA ASN B 34 5.07 11.73 4.85
C ASN B 34 5.21 13.18 4.36
N ARG B 35 6.17 13.89 4.92
CA ARG B 35 6.47 15.26 4.54
C ARG B 35 7.03 15.34 3.12
N VAL B 36 8.04 14.52 2.85
CA VAL B 36 8.69 14.50 1.55
C VAL B 36 7.73 14.13 0.42
N THR B 37 6.94 13.09 0.63
CA THR B 37 6.07 12.58 -0.42
C THR B 37 4.69 13.23 -0.51
N ARG B 38 4.18 13.72 0.61
CA ARG B 38 2.79 14.18 0.71
C ARG B 38 1.84 13.01 0.47
N LEU B 39 2.34 11.79 0.58
CA LEU B 39 1.59 10.59 0.23
C LEU B 39 1.83 9.49 1.26
N PRO B 40 1.29 9.65 2.46
CA PRO B 40 1.45 8.61 3.47
C PRO B 40 0.82 7.30 3.03
N VAL B 41 1.39 6.21 3.55
CA VAL B 41 0.79 4.90 3.40
C VAL B 41 -0.07 4.69 4.65
N VAL B 42 -1.31 4.28 4.44
CA VAL B 42 -2.27 4.06 5.52
C VAL B 42 -2.91 2.69 5.41
N VAL B 43 -3.43 2.21 6.53
CA VAL B 43 -4.25 1.00 6.53
C VAL B 43 -5.61 1.37 7.10
N PRO B 44 -6.68 0.86 6.53
CA PRO B 44 -8.03 1.29 6.93
C PRO B 44 -8.57 0.58 8.17
N VAL B 45 -9.46 1.28 8.87
CA VAL B 45 -10.17 0.72 10.01
C VAL B 45 -11.57 0.36 9.58
N THR B 46 -12.00 -0.86 9.92
CA THR B 46 -13.36 -1.32 9.63
C THR B 46 -14.01 -1.80 10.91
N SER B 47 -15.33 -1.96 10.87
CA SER B 47 -16.04 -2.44 12.05
C SER B 47 -15.68 -3.90 12.33
N ARG B 53 -11.75 -9.36 18.23
CA ARG B 53 -10.42 -9.80 18.60
C ARG B 53 -9.50 -9.83 17.39
N THR B 54 -8.23 -9.57 17.62
CA THR B 54 -7.22 -9.64 16.60
C THR B 54 -7.22 -11.05 16.01
N ALA B 55 -7.18 -11.13 14.69
CA ALA B 55 -7.21 -12.42 13.97
C ALA B 55 -6.63 -12.20 12.59
N GLY B 56 -5.63 -12.97 12.23
CA GLY B 56 -5.01 -12.80 10.93
C GLY B 56 -4.46 -11.39 10.80
N PHE B 57 -4.78 -10.74 9.69
CA PHE B 57 -4.30 -9.39 9.44
C PHE B 57 -5.12 -8.31 10.12
N ALA B 58 -6.21 -8.68 10.78
CA ALA B 58 -7.08 -7.70 11.44
C ALA B 58 -6.63 -7.52 12.89
N VAL B 59 -6.22 -6.31 13.24
CA VAL B 59 -5.78 -6.01 14.60
C VAL B 59 -6.85 -5.19 15.32
N SER B 60 -7.31 -5.68 16.47
CA SER B 60 -8.33 -4.99 17.24
C SER B 60 -7.78 -3.74 17.92
N LEU B 61 -8.57 -2.67 17.88
CA LEU B 61 -8.20 -1.42 18.54
C LEU B 61 -8.65 -1.38 19.99
N ASP B 62 -9.36 -2.41 20.45
CA ASP B 62 -10.01 -2.41 21.76
C ASP B 62 -9.08 -2.58 22.96
N GLY B 63 -9.57 -2.10 24.10
CA GLY B 63 -8.95 -2.28 25.39
C GLY B 63 -7.73 -1.46 25.72
N VAL B 64 -7.49 -0.40 24.95
CA VAL B 64 -6.24 0.33 25.13
C VAL B 64 -6.45 1.86 25.09
N GLY B 65 -7.68 2.31 25.31
CA GLY B 65 -7.95 3.73 25.37
C GLY B 65 -8.12 4.47 24.07
N ILE B 66 -8.22 3.74 22.96
CA ILE B 66 -8.45 4.35 21.65
C ILE B 66 -9.94 4.60 21.51
N ARG B 67 -10.30 5.80 21.04
CA ARG B 67 -11.70 6.14 20.86
C ARG B 67 -12.29 5.52 19.60
N THR B 68 -11.53 5.54 18.51
CA THR B 68 -11.93 4.86 17.28
C THR B 68 -12.14 3.39 17.58
N THR B 69 -13.21 2.81 17.07
CA THR B 69 -13.49 1.41 17.30
C THR B 69 -13.29 0.59 16.05
N GLY B 70 -13.19 -0.71 16.23
CA GLY B 70 -13.07 -1.65 15.13
C GLY B 70 -11.71 -2.32 15.06
N VAL B 71 -11.35 -2.69 13.83
CA VAL B 71 -10.13 -3.42 13.56
C VAL B 71 -9.36 -2.74 12.43
N VAL B 72 -8.04 -2.83 12.52
CA VAL B 72 -7.16 -2.31 11.49
C VAL B 72 -6.90 -3.44 10.49
N ARG B 73 -7.16 -3.17 9.21
CA ARG B 73 -6.91 -4.14 8.13
C ARG B 73 -5.48 -4.00 7.65
N CYS B 74 -4.58 -4.73 8.29
CA CYS B 74 -3.15 -4.64 8.01
C CYS B 74 -2.79 -5.23 6.65
N ASP B 75 -3.75 -5.93 6.05
CA ASP B 75 -3.58 -6.50 4.72
C ASP B 75 -3.95 -5.53 3.59
N GLN B 76 -4.37 -4.31 3.94
CA GLN B 76 -4.87 -3.38 2.93
C GLN B 76 -4.20 -2.01 2.91
N PRO B 77 -2.89 -1.97 2.82
CA PRO B 77 -2.22 -0.66 2.77
C PRO B 77 -2.56 0.09 1.48
N ARG B 78 -2.57 1.41 1.58
CA ARG B 78 -2.83 2.27 0.45
C ARG B 78 -2.13 3.60 0.63
N THR B 79 -1.54 4.09 -0.44
CA THR B 79 -0.84 5.36 -0.46
C THR B 79 -1.83 6.43 -0.89
N ILE B 80 -2.06 7.42 -0.04
CA ILE B 80 -3.07 8.44 -0.35
C ILE B 80 -2.54 9.84 -0.09
N ASP B 81 -3.13 10.80 -0.80
CA ASP B 81 -2.84 12.19 -0.58
C ASP B 81 -3.84 12.68 0.47
N MET B 82 -3.41 12.59 1.73
CA MET B 82 -4.27 12.91 2.86
C MET B 82 -4.79 14.34 2.77
N LYS B 83 -3.90 15.27 2.43
CA LYS B 83 -4.25 16.68 2.36
C LYS B 83 -5.25 16.96 1.26
N ALA B 84 -5.01 16.43 0.07
CA ALA B 84 -5.93 16.66 -1.03
C ALA B 84 -7.31 16.09 -0.76
N ARG B 85 -7.38 15.00 0.01
CA ARG B 85 -8.65 14.38 0.34
C ARG B 85 -9.34 15.03 1.55
N GLY B 86 -8.69 15.98 2.20
CA GLY B 86 -9.30 16.66 3.33
C GLY B 86 -9.34 15.84 4.60
N GLY B 87 -8.34 14.98 4.79
CA GLY B 87 -8.27 14.17 6.00
C GLY B 87 -8.17 15.01 7.26
N LYS B 88 -8.65 14.46 8.37
CA LYS B 88 -8.63 15.14 9.67
C LYS B 88 -7.99 14.22 10.70
N ARG B 89 -7.03 14.72 11.48
CA ARG B 89 -6.35 13.91 12.48
C ARG B 89 -7.28 13.70 13.67
N LEU B 90 -7.45 12.44 14.09
CA LEU B 90 -8.30 12.12 15.23
C LEU B 90 -7.54 11.88 16.54
N GLU B 91 -6.54 11.01 16.50
CA GLU B 91 -5.86 10.59 17.71
C GLU B 91 -4.64 9.78 17.33
N ARG B 92 -3.90 9.31 18.33
CA ARG B 92 -2.71 8.49 18.11
C ARG B 92 -2.85 7.20 18.88
N VAL B 93 -2.44 6.08 18.29
CA VAL B 93 -2.51 4.81 19.00
C VAL B 93 -1.25 4.58 19.82
N PRO B 94 -1.37 3.85 20.92
CA PRO B 94 -0.19 3.49 21.69
C PRO B 94 0.79 2.66 20.86
N GLU B 95 2.06 2.74 21.22
CA GLU B 95 3.10 2.01 20.51
C GLU B 95 2.86 0.51 20.46
N THR B 96 2.26 -0.07 21.49
CA THR B 96 1.96 -1.50 21.51
C THR B 96 1.09 -1.88 20.31
N ILE B 97 0.05 -1.09 20.06
CA ILE B 97 -0.84 -1.32 18.93
C ILE B 97 -0.10 -1.12 17.60
N MET B 98 0.67 -0.05 17.49
CA MET B 98 1.40 0.20 16.25
C MET B 98 2.36 -0.96 15.97
N ASN B 99 2.99 -1.48 17.01
CA ASN B 99 3.92 -2.61 16.82
C ASN B 99 3.21 -3.87 16.35
N GLU B 100 1.98 -4.09 16.82
CA GLU B 100 1.17 -5.24 16.35
C GLU B 100 0.80 -5.05 14.89
N VAL B 101 0.40 -3.83 14.53
CA VAL B 101 0.05 -3.51 13.15
C VAL B 101 1.25 -3.70 12.22
N LEU B 102 2.41 -3.16 12.60
CA LEU B 102 3.61 -3.32 11.76
C LEU B 102 3.98 -4.79 11.67
N GLY B 103 3.80 -5.52 12.75
CA GLY B 103 4.07 -6.95 12.76
C GLY B 103 3.28 -7.66 11.68
N ARG B 104 1.98 -7.44 11.63
CA ARG B 104 1.16 -8.11 10.63
C ARG B 104 1.41 -7.57 9.23
N LEU B 105 1.44 -6.25 9.11
CA LEU B 105 1.66 -5.65 7.81
C LEU B 105 2.97 -6.15 7.18
N SER B 106 4.01 -6.26 8.00
CA SER B 106 5.33 -6.67 7.52
C SER B 106 5.30 -8.01 6.81
N THR B 107 4.36 -8.88 7.18
CA THR B 107 4.33 -10.21 6.58
C THR B 107 3.91 -10.24 5.12
N ILE B 108 3.38 -9.13 4.58
CA ILE B 108 3.09 -9.11 3.16
C ILE B 108 4.38 -9.19 2.34
N LEU B 109 5.52 -8.93 2.99
CA LEU B 109 6.84 -8.93 2.33
C LEU B 109 7.60 -10.23 2.52
N THR B 110 7.04 -11.15 3.28
CA THR B 110 7.72 -12.41 3.55
C THR B 110 7.85 -13.23 2.29
P PO4 C . -17.57 -1.12 7.77
O1 PO4 C . -17.07 -2.41 7.30
O2 PO4 C . -16.52 -0.50 8.62
O3 PO4 C . -17.87 -0.33 6.52
O4 PO4 C . -18.80 -1.40 8.58
#